data_4W67
# 
_entry.id   4W67 
# 
_audit_conform.dict_name       mmcif_pdbx.dic 
_audit_conform.dict_version    5.383 
_audit_conform.dict_location   http://mmcif.pdb.org/dictionaries/ascii/mmcif_pdbx.dic 
# 
loop_
_database_2.database_id 
_database_2.database_code 
_database_2.pdbx_database_accession 
_database_2.pdbx_DOI 
PDB   4W67         pdb_00004w67 10.2210/pdb4w67/pdb 
WWPDB D_1000203247 ?            ?                   
# 
loop_
_pdbx_audit_revision_history.ordinal 
_pdbx_audit_revision_history.data_content_type 
_pdbx_audit_revision_history.major_revision 
_pdbx_audit_revision_history.minor_revision 
_pdbx_audit_revision_history.revision_date 
1 'Structure model' 1 0 2015-05-27 
2 'Structure model' 1 1 2015-06-10 
3 'Structure model' 1 2 2015-07-01 
4 'Structure model' 1 3 2017-11-22 
5 'Structure model' 1 4 2023-12-27 
# 
_pdbx_audit_revision_details.ordinal             1 
_pdbx_audit_revision_details.revision_ordinal    1 
_pdbx_audit_revision_details.data_content_type   'Structure model' 
_pdbx_audit_revision_details.provider            repository 
_pdbx_audit_revision_details.type                'Initial release' 
_pdbx_audit_revision_details.description         ? 
_pdbx_audit_revision_details.details             ? 
# 
loop_
_pdbx_audit_revision_group.ordinal 
_pdbx_audit_revision_group.revision_ordinal 
_pdbx_audit_revision_group.data_content_type 
_pdbx_audit_revision_group.group 
1 2 'Structure model' 'Derived calculations'   
2 3 'Structure model' 'Database references'    
3 4 'Structure model' 'Database references'    
4 4 'Structure model' 'Derived calculations'   
5 4 'Structure model' 'Refinement description' 
6 4 'Structure model' 'Source and taxonomy'    
7 5 'Structure model' 'Data collection'        
8 5 'Structure model' 'Database references'    
# 
loop_
_pdbx_audit_revision_category.ordinal 
_pdbx_audit_revision_category.revision_ordinal 
_pdbx_audit_revision_category.data_content_type 
_pdbx_audit_revision_category.category 
1 4 'Structure model' citation                 
2 4 'Structure model' pdbx_entity_src_syn      
3 4 'Structure model' pdbx_struct_assembly     
4 4 'Structure model' pdbx_struct_assembly_gen 
5 4 'Structure model' pdbx_struct_oper_list    
6 4 'Structure model' software                 
7 5 'Structure model' chem_comp_atom           
8 5 'Structure model' chem_comp_bond           
9 5 'Structure model' database_2               
# 
loop_
_pdbx_audit_revision_item.ordinal 
_pdbx_audit_revision_item.revision_ordinal 
_pdbx_audit_revision_item.data_content_type 
_pdbx_audit_revision_item.item 
1 4 'Structure model' '_citation.journal_id_CSD'                  
2 4 'Structure model' '_pdbx_entity_src_syn.pdbx_alt_source_flag' 
3 4 'Structure model' '_pdbx_struct_assembly.oligomeric_details'  
4 4 'Structure model' '_pdbx_struct_assembly_gen.asym_id_list'    
5 4 'Structure model' '_pdbx_struct_oper_list.symmetry_operation' 
6 5 'Structure model' '_database_2.pdbx_DOI'                      
7 5 'Structure model' '_database_2.pdbx_database_accession'       
# 
_pdbx_database_status.status_code                     REL 
_pdbx_database_status.status_code_sf                  REL 
_pdbx_database_status.status_code_mr                  ? 
_pdbx_database_status.entry_id                        4W67 
_pdbx_database_status.recvd_initial_deposition_date   2014-08-20 
_pdbx_database_status.SG_entry                        N 
_pdbx_database_status.deposit_site                    RCSB 
_pdbx_database_status.process_site                    RCSB 
_pdbx_database_status.status_code_cs                  ? 
_pdbx_database_status.methods_development_category    ? 
_pdbx_database_status.pdb_format_compatible           Y 
_pdbx_database_status.status_code_nmr_data            ? 
# 
loop_
_pdbx_database_related.content_type 
_pdbx_database_related.db_id 
_pdbx_database_related.db_name 
_pdbx_database_related.details 
unspecified 4TUT PDB . 
unspecified 4UBY PDB . 
unspecified 4UBZ PDB . 
unspecified 4W5L PDB . 
unspecified 4W5M PDB . 
unspecified 4W5P PDB . 
unspecified 4W71 PDB . 
unspecified 4WBU PDB . 
unspecified 4WBV PDB . 
# 
loop_
_audit_author.name 
_audit_author.pdbx_ordinal 
'Yu, L.'     1 
'Lee, S.-J.' 2 
'Yee, V.'    3 
# 
_citation.abstract                  ? 
_citation.abstract_id_CAS           ? 
_citation.book_id_ISBN              ? 
_citation.book_publisher            ? 
_citation.book_publisher_city       ? 
_citation.book_title                ? 
_citation.coordinate_linkage        ? 
_citation.country                   US 
_citation.database_id_Medline       ? 
_citation.details                   ? 
_citation.id                        primary 
_citation.journal_abbrev            Biochemistry 
_citation.journal_id_ASTM           BICHAW 
_citation.journal_id_CSD            0033 
_citation.journal_id_ISSN           0006-2960 
_citation.journal_full              ? 
_citation.journal_issue             ? 
_citation.journal_volume            54 
_citation.language                  ? 
_citation.page_first                3640 
_citation.page_last                 3648 
_citation.title                     
'Crystal Structures of Polymorphic Prion Protein beta 1 Peptides Reveal Variable Steric Zipper Conformations.' 
_citation.year                      2015 
_citation.database_id_CSD           ? 
_citation.pdbx_database_id_DOI      10.1021/acs.biochem.5b00425 
_citation.pdbx_database_id_PubMed   25978088 
_citation.unpublished_flag          ? 
# 
loop_
_citation_author.citation_id 
_citation_author.name 
_citation_author.ordinal 
_citation_author.identifier_ORCID 
primary 'Yu, L.'    1 ? 
primary 'Lee, S.J.' 2 ? 
primary 'Yee, V.C.' 3 ? 
# 
loop_
_entity.id 
_entity.type 
_entity.src_method 
_entity.pdbx_description 
_entity.formula_weight 
_entity.pdbx_number_of_molecules 
_entity.pdbx_ec 
_entity.pdbx_mutation 
_entity.pdbx_fragment 
_entity.details 
1 polymer syn 'PrP peptide' 665.737 2 ? ? ? ? 
2 water   nat water         18.015  9 ? ? ? ? 
# 
_entity_poly.entity_id                      1 
_entity_poly.type                           'polypeptide(L)' 
_entity_poly.nstd_linkage                   no 
_entity_poly.nstd_monomer                   no 
_entity_poly.pdbx_seq_one_letter_code       GYVLGSA 
_entity_poly.pdbx_seq_one_letter_code_can   GYVLGSA 
_entity_poly.pdbx_strand_id                 A,B 
_entity_poly.pdbx_target_identifier         ? 
# 
_pdbx_entity_nonpoly.entity_id   2 
_pdbx_entity_nonpoly.name        water 
_pdbx_entity_nonpoly.comp_id     HOH 
# 
loop_
_entity_poly_seq.entity_id 
_entity_poly_seq.num 
_entity_poly_seq.mon_id 
_entity_poly_seq.hetero 
1 1 GLY n 
1 2 TYR n 
1 3 VAL n 
1 4 LEU n 
1 5 GLY n 
1 6 SER n 
1 7 ALA n 
# 
_pdbx_entity_src_syn.entity_id              1 
_pdbx_entity_src_syn.pdbx_src_id            1 
_pdbx_entity_src_syn.pdbx_alt_source_flag   sample 
_pdbx_entity_src_syn.pdbx_beg_seq_num       1 
_pdbx_entity_src_syn.pdbx_end_seq_num       7 
_pdbx_entity_src_syn.organism_scientific    'synthetic construct' 
_pdbx_entity_src_syn.organism_common_name   ? 
_pdbx_entity_src_syn.ncbi_taxonomy_id       32630 
_pdbx_entity_src_syn.details                synthetic 
# 
loop_
_chem_comp.id 
_chem_comp.type 
_chem_comp.mon_nstd_flag 
_chem_comp.name 
_chem_comp.pdbx_synonyms 
_chem_comp.formula 
_chem_comp.formula_weight 
ALA 'L-peptide linking' y ALANINE  ? 'C3 H7 N O2'  89.093  
GLY 'peptide linking'   y GLYCINE  ? 'C2 H5 N O2'  75.067  
HOH non-polymer         . WATER    ? 'H2 O'        18.015  
LEU 'L-peptide linking' y LEUCINE  ? 'C6 H13 N O2' 131.173 
SER 'L-peptide linking' y SERINE   ? 'C3 H7 N O3'  105.093 
TYR 'L-peptide linking' y TYROSINE ? 'C9 H11 N O3' 181.189 
VAL 'L-peptide linking' y VALINE   ? 'C5 H11 N O2' 117.146 
# 
loop_
_pdbx_poly_seq_scheme.asym_id 
_pdbx_poly_seq_scheme.entity_id 
_pdbx_poly_seq_scheme.seq_id 
_pdbx_poly_seq_scheme.mon_id 
_pdbx_poly_seq_scheme.ndb_seq_num 
_pdbx_poly_seq_scheme.pdb_seq_num 
_pdbx_poly_seq_scheme.auth_seq_num 
_pdbx_poly_seq_scheme.pdb_mon_id 
_pdbx_poly_seq_scheme.auth_mon_id 
_pdbx_poly_seq_scheme.pdb_strand_id 
_pdbx_poly_seq_scheme.pdb_ins_code 
_pdbx_poly_seq_scheme.hetero 
A 1 1 GLY 1 127 127 GLY GLY A . n 
A 1 2 TYR 2 128 128 TYR TYR A . n 
A 1 3 VAL 3 129 129 VAL VAL A . n 
A 1 4 LEU 4 130 130 LEU LEU A . n 
A 1 5 GLY 5 131 131 GLY GLY A . n 
A 1 6 SER 6 132 132 SER SER A . n 
A 1 7 ALA 7 133 133 ALA ALA A . n 
B 1 1 GLY 1 127 127 GLY GLY B . n 
B 1 2 TYR 2 128 128 TYR TYR B . n 
B 1 3 VAL 3 129 129 VAL VAL B . n 
B 1 4 LEU 4 130 130 LEU LEU B . n 
B 1 5 GLY 5 131 131 GLY GLY B . n 
B 1 6 SER 6 132 132 SER SER B . n 
B 1 7 ALA 7 133 133 ALA ALA B . n 
# 
loop_
_pdbx_nonpoly_scheme.asym_id 
_pdbx_nonpoly_scheme.entity_id 
_pdbx_nonpoly_scheme.mon_id 
_pdbx_nonpoly_scheme.ndb_seq_num 
_pdbx_nonpoly_scheme.pdb_seq_num 
_pdbx_nonpoly_scheme.auth_seq_num 
_pdbx_nonpoly_scheme.pdb_mon_id 
_pdbx_nonpoly_scheme.auth_mon_id 
_pdbx_nonpoly_scheme.pdb_strand_id 
_pdbx_nonpoly_scheme.pdb_ins_code 
C 2 HOH 1 201 4 HOH HOH A . 
C 2 HOH 2 202 7 HOH HOH A . 
C 2 HOH 3 203 1 HOH HOH A . 
C 2 HOH 4 204 8 HOH HOH A . 
C 2 HOH 5 205 3 HOH HOH A . 
C 2 HOH 6 206 6 HOH HOH A . 
C 2 HOH 7 207 5 HOH HOH A . 
C 2 HOH 8 208 9 HOH HOH A . 
D 2 HOH 1 201 2 HOH HOH B . 
# 
loop_
_software.citation_id 
_software.classification 
_software.compiler_name 
_software.compiler_version 
_software.contact_author 
_software.contact_author_email 
_software.date 
_software.description 
_software.dependencies 
_software.hardware 
_software.language 
_software.location 
_software.mods 
_software.name 
_software.os 
_software.os_version 
_software.type 
_software.version 
_software.pdbx_ordinal 
? 'data reduction'  ? ? ? ? ? ? ? ? ? ? ? HKL-2000    ? ? ? .                           1 
? 'data extraction' ? ? ? ? ? ? ? ? ? ? ? PDB_EXTRACT ? ? ? 3.15                        2 
? 'data scaling'    ? ? ? ? ? ? ? ? ? ? ? HKL-2000    ? ? ? .                           3 
? phasing           ? ? ? ? ? ? ? ? ? ? ? SHELX       ? ? ? .                           4 
? refinement        ? ? ? ? ? ? ? ? ? ? ? PHENIX      ? ? ? '(phenix.refine: 1.9_1692)' 5 
? 'data reduction'  ? ? ? ? ? ? ? ? ? ? ? DENZO       ? ? ? .                           6 
? 'data scaling'    ? ? ? ? ? ? ? ? ? ? ? SCALEPACK   ? ? ? .                           7 
# 
_cell.length_a           8.519 
_cell.length_b           9.540 
_cell.length_c           25.405 
_cell.angle_alpha        99.940 
_cell.angle_beta         99.560 
_cell.angle_gamma        90.100 
_cell.entry_id           4W67 
_cell.Z_PDB              2 
_cell.pdbx_unique_axis   ? 
# 
_symmetry.entry_id                         4W67 
_symmetry.cell_setting                     ? 
_symmetry.Int_Tables_number                1 
_symmetry.space_group_name_Hall            ? 
_symmetry.space_group_name_H-M             'P 1' 
_symmetry.pdbx_full_space_group_name_H-M   ? 
# 
_exptl.absorpt_coefficient_mu     ? 
_exptl.absorpt_correction_T_max   ? 
_exptl.absorpt_correction_T_min   ? 
_exptl.absorpt_correction_type    ? 
_exptl.absorpt_process_details    ? 
_exptl.entry_id                   4W67 
_exptl.crystals_number            1 
_exptl.details                    ? 
_exptl.method                     'X-RAY DIFFRACTION' 
_exptl.method_details             ? 
# 
_exptl_crystal.colour                      ? 
_exptl_crystal.density_diffrn              ? 
_exptl_crystal.density_Matthews            1.51 
_exptl_crystal.density_method              ? 
_exptl_crystal.density_percent_sol         18.30 
_exptl_crystal.description                 ? 
_exptl_crystal.F_000                       ? 
_exptl_crystal.id                          1 
_exptl_crystal.preparation                 ? 
_exptl_crystal.size_max                    ? 
_exptl_crystal.size_mid                    ? 
_exptl_crystal.size_min                    ? 
_exptl_crystal.size_rad                    ? 
_exptl_crystal.colour_lustre               ? 
_exptl_crystal.colour_modifier             ? 
_exptl_crystal.colour_primary              ? 
_exptl_crystal.density_meas                ? 
_exptl_crystal.density_meas_esd            ? 
_exptl_crystal.density_meas_gt             ? 
_exptl_crystal.density_meas_lt             ? 
_exptl_crystal.density_meas_temp           ? 
_exptl_crystal.density_meas_temp_esd       ? 
_exptl_crystal.density_meas_temp_gt        ? 
_exptl_crystal.density_meas_temp_lt        ? 
_exptl_crystal.pdbx_crystal_image_url      ? 
_exptl_crystal.pdbx_crystal_image_format   ? 
_exptl_crystal.pdbx_mosaicity              ? 
_exptl_crystal.pdbx_mosaicity_esd          ? 
# 
_exptl_crystal_grow.apparatus       ? 
_exptl_crystal_grow.atmosphere      ? 
_exptl_crystal_grow.crystal_id      1 
_exptl_crystal_grow.details         ? 
_exptl_crystal_grow.method          'VAPOR DIFFUSION, SITTING DROP' 
_exptl_crystal_grow.method_ref      ? 
_exptl_crystal_grow.pH              7.5 
_exptl_crystal_grow.pressure        ? 
_exptl_crystal_grow.pressure_esd    ? 
_exptl_crystal_grow.seeding         ? 
_exptl_crystal_grow.seeding_ref     ? 
_exptl_crystal_grow.temp            293 
_exptl_crystal_grow.temp_details    ? 
_exptl_crystal_grow.temp_esd        ? 
_exptl_crystal_grow.time            ? 
_exptl_crystal_grow.pdbx_details    '0.007 M cadmium sulfate, 0.1 M Hepes, and 1.5 M sodium acetate' 
_exptl_crystal_grow.pdbx_pH_range   ? 
# 
_diffrn.ambient_environment    ? 
_diffrn.ambient_temp           100 
_diffrn.ambient_temp_details   ? 
_diffrn.ambient_temp_esd       ? 
_diffrn.crystal_id             1 
_diffrn.crystal_support        ? 
_diffrn.crystal_treatment      ? 
_diffrn.details                ? 
_diffrn.id                     1 
_diffrn.ambient_pressure       ? 
_diffrn.ambient_pressure_esd   ? 
_diffrn.ambient_pressure_gt    ? 
_diffrn.ambient_pressure_lt    ? 
_diffrn.ambient_temp_gt        ? 
_diffrn.ambient_temp_lt        ? 
# 
_diffrn_detector.details                      ? 
_diffrn_detector.detector                     CCD 
_diffrn_detector.diffrn_id                    1 
_diffrn_detector.type                         'MARMOSAIC 300 mm CCD' 
_diffrn_detector.area_resol_mean              ? 
_diffrn_detector.dtime                        ? 
_diffrn_detector.pdbx_frames_total            ? 
_diffrn_detector.pdbx_collection_time_total   ? 
_diffrn_detector.pdbx_collection_date         2011-10-20 
# 
_diffrn_radiation.collimation                      ? 
_diffrn_radiation.diffrn_id                        1 
_diffrn_radiation.filter_edge                      ? 
_diffrn_radiation.inhomogeneity                    ? 
_diffrn_radiation.monochromator                    ? 
_diffrn_radiation.polarisn_norm                    ? 
_diffrn_radiation.polarisn_ratio                   ? 
_diffrn_radiation.probe                            ? 
_diffrn_radiation.type                             ? 
_diffrn_radiation.xray_symbol                      ? 
_diffrn_radiation.wavelength_id                    1 
_diffrn_radiation.pdbx_monochromatic_or_laue_m_l   M 
_diffrn_radiation.pdbx_wavelength_list             ? 
_diffrn_radiation.pdbx_wavelength                  ? 
_diffrn_radiation.pdbx_diffrn_protocol             'SINGLE WAVELENGTH' 
_diffrn_radiation.pdbx_analyzer                    ? 
_diffrn_radiation.pdbx_scattering_type             x-ray 
# 
_diffrn_radiation_wavelength.id           1 
_diffrn_radiation_wavelength.wavelength   0.77490 
_diffrn_radiation_wavelength.wt           1.0 
# 
_diffrn_source.current                     ? 
_diffrn_source.details                     ? 
_diffrn_source.diffrn_id                   1 
_diffrn_source.power                       ? 
_diffrn_source.size                        ? 
_diffrn_source.source                      SYNCHROTRON 
_diffrn_source.target                      ? 
_diffrn_source.type                        'APS BEAMLINE 23-ID-B' 
_diffrn_source.voltage                     ? 
_diffrn_source.take-off_angle              ? 
_diffrn_source.pdbx_wavelength_list        0.77490 
_diffrn_source.pdbx_wavelength             ? 
_diffrn_source.pdbx_synchrotron_beamline   23-ID-B 
_diffrn_source.pdbx_synchrotron_site       APS 
# 
_reflns.B_iso_Wilson_estimate            3.450 
_reflns.entry_id                         4W67 
_reflns.data_reduction_details           ? 
_reflns.data_reduction_method            ? 
_reflns.d_resolution_high                1.000 
_reflns.d_resolution_low                 50.000 
_reflns.details                          ? 
_reflns.limit_h_max                      ? 
_reflns.limit_h_min                      ? 
_reflns.limit_k_max                      ? 
_reflns.limit_k_min                      ? 
_reflns.limit_l_max                      ? 
_reflns.limit_l_min                      ? 
_reflns.number_all                       ? 
_reflns.number_obs                       3145 
_reflns.observed_criterion               ? 
_reflns.observed_criterion_F_max         ? 
_reflns.observed_criterion_F_min         ? 
_reflns.observed_criterion_I_max         ? 
_reflns.observed_criterion_I_min         ? 
_reflns.observed_criterion_sigma_F       ? 
_reflns.observed_criterion_sigma_I       ? 
_reflns.percent_possible_obs             74.900 
_reflns.R_free_details                   ? 
_reflns.Rmerge_F_all                     ? 
_reflns.Rmerge_F_obs                     ? 
_reflns.Friedel_coverage                 ? 
_reflns.number_gt                        ? 
_reflns.threshold_expression             ? 
_reflns.pdbx_redundancy                  2.500 
_reflns.pdbx_Rmerge_I_obs                0.050 
_reflns.pdbx_Rmerge_I_all                ? 
_reflns.pdbx_Rsym_value                  ? 
_reflns.pdbx_netI_over_av_sigmaI         18.254 
_reflns.pdbx_netI_over_sigmaI            30.300 
_reflns.pdbx_res_netI_over_av_sigmaI_2   ? 
_reflns.pdbx_res_netI_over_sigmaI_2      ? 
_reflns.pdbx_chi_squared                 1.041 
_reflns.pdbx_scaling_rejects             ? 
_reflns.pdbx_d_res_high_opt              ? 
_reflns.pdbx_d_res_low_opt               ? 
_reflns.pdbx_d_res_opt_method            ? 
_reflns.phase_calculation_details        ? 
_reflns.pdbx_Rrim_I_all                  ? 
_reflns.pdbx_Rpim_I_all                  ? 
_reflns.pdbx_d_opt                       ? 
_reflns.pdbx_number_measured_all         7930 
_reflns.pdbx_diffrn_id                   1 
_reflns.pdbx_ordinal                     1 
_reflns.pdbx_CC_half                     ? 
_reflns.pdbx_R_split                     ? 
# 
loop_
_reflns_shell.d_res_high 
_reflns_shell.d_res_low 
_reflns_shell.meanI_over_sigI_all 
_reflns_shell.meanI_over_sigI_obs 
_reflns_shell.number_measured_all 
_reflns_shell.number_measured_obs 
_reflns_shell.number_possible 
_reflns_shell.number_unique_all 
_reflns_shell.number_unique_obs 
_reflns_shell.percent_possible_all 
_reflns_shell.percent_possible_obs 
_reflns_shell.Rmerge_F_all 
_reflns_shell.Rmerge_F_obs 
_reflns_shell.Rmerge_I_all 
_reflns_shell.Rmerge_I_obs 
_reflns_shell.meanI_over_sigI_gt 
_reflns_shell.meanI_over_uI_all 
_reflns_shell.meanI_over_uI_gt 
_reflns_shell.number_measured_gt 
_reflns_shell.number_unique_gt 
_reflns_shell.percent_possible_gt 
_reflns_shell.Rmerge_F_gt 
_reflns_shell.Rmerge_I_gt 
_reflns_shell.pdbx_redundancy 
_reflns_shell.pdbx_Rsym_value 
_reflns_shell.pdbx_chi_squared 
_reflns_shell.pdbx_netI_over_sigmaI_all 
_reflns_shell.pdbx_netI_over_sigmaI_obs 
_reflns_shell.pdbx_Rrim_I_all 
_reflns_shell.pdbx_Rpim_I_all 
_reflns_shell.pdbx_rejects 
_reflns_shell.pdbx_ordinal 
_reflns_shell.pdbx_diffrn_id 
_reflns_shell.pdbx_CC_half 
_reflns_shell.pdbx_R_split 
1.000 1.040  ? ? ? ? ? 224 ? 53.200 ? ? ? ? 0.124 ? ? ? ? ? ? ? ? 1.700 ? 1.377 ? ? ? ? 0 1  1 ? ? 
1.040 1.080  ? ? ? ? ? 248 ? 57.400 ? ? ? ? 0.079 ? ? ? ? ? ? ? ? 1.900 ? 1.139 ? ? ? ? 0 2  1 ? ? 
1.080 1.130  ? ? ? ? ? 267 ? 68.300 ? ? ? ? 0.060 ? ? ? ? ? ? ? ? 2.200 ? 1.016 ? ? ? ? 0 3  1 ? ? 
1.130 1.190  ? ? ? ? ? 308 ? 69.500 ? ? ? ? 0.058 ? ? ? ? ? ? ? ? 2.300 ? 1.077 ? ? ? ? 0 4  1 ? ? 
1.190 1.260  ? ? ? ? ? 314 ? 77.000 ? ? ? ? 0.064 ? ? ? ? ? ? ? ? 2.500 ? 1.032 ? ? ? ? 0 5  1 ? ? 
1.260 1.360  ? ? ? ? ? 310 ? 73.300 ? ? ? ? 0.057 ? ? ? ? ? ? ? ? 2.400 ? 0.979 ? ? ? ? 0 6  1 ? ? 
1.360 1.490  ? ? ? ? ? 355 ? 83.700 ? ? ? ? 0.060 ? ? ? ? ? ? ? ? 2.600 ? 1.016 ? ? ? ? 0 7  1 ? ? 
1.490 1.710  ? ? ? ? ? 366 ? 87.600 ? ? ? ? 0.051 ? ? ? ? ? ? ? ? 2.700 ? 1.070 ? ? ? ? 0 8  1 ? ? 
1.710 2.150  ? ? ? ? ? 389 ? 91.100 ? ? ? ? 0.042 ? ? ? ? ? ? ? ? 3.100 ? 1.003 ? ? ? ? 0 9  1 ? ? 
2.150 50.000 ? ? ? ? ? 364 ? 88.800 ? ? ? ? 0.048 ? ? ? ? ? ? ? ? 3.200 ? 1.017 ? ? ? ? 0 10 1 ? ? 
# 
_refine.aniso_B[1][1]                            ? 
_refine.aniso_B[1][2]                            ? 
_refine.aniso_B[1][3]                            ? 
_refine.aniso_B[2][2]                            ? 
_refine.aniso_B[2][3]                            ? 
_refine.aniso_B[3][3]                            ? 
_refine.B_iso_max                                27.260 
_refine.B_iso_mean                               6.4081 
_refine.B_iso_min                                2.210 
_refine.correlation_coeff_Fo_to_Fc               ? 
_refine.correlation_coeff_Fo_to_Fc_free          ? 
_refine.details                                  ? 
_refine.diff_density_max                         ? 
_refine.diff_density_max_esd                     ? 
_refine.diff_density_min                         ? 
_refine.diff_density_min_esd                     ? 
_refine.diff_density_rms                         ? 
_refine.diff_density_rms_esd                     ? 
_refine.entry_id                                 4W67 
_refine.pdbx_refine_id                           'X-RAY DIFFRACTION' 
_refine.ls_abs_structure_details                 ? 
_refine.ls_abs_structure_Flack                   ? 
_refine.ls_abs_structure_Flack_esd               ? 
_refine.ls_abs_structure_Rogers                  ? 
_refine.ls_abs_structure_Rogers_esd              ? 
_refine.ls_d_res_high                            1.0010 
_refine.ls_d_res_low                             9.3920 
_refine.ls_extinction_coef                       ? 
_refine.ls_extinction_coef_esd                   ? 
_refine.ls_extinction_expression                 ? 
_refine.ls_extinction_method                     ? 
_refine.ls_goodness_of_fit_all                   ? 
_refine.ls_goodness_of_fit_all_esd               ? 
_refine.ls_goodness_of_fit_obs                   ? 
_refine.ls_goodness_of_fit_obs_esd               ? 
_refine.ls_hydrogen_treatment                    ? 
_refine.ls_matrix_type                           ? 
_refine.ls_number_constraints                    ? 
_refine.ls_number_parameters                     ? 
_refine.ls_number_reflns_all                     ? 
_refine.ls_number_reflns_obs                     3131 
_refine.ls_number_reflns_R_free                  148 
_refine.ls_number_reflns_R_work                  2983 
_refine.ls_number_restraints                     ? 
_refine.ls_percent_reflns_obs                    74.6700 
_refine.ls_percent_reflns_R_free                 4.7300 
_refine.ls_R_factor_all                          ? 
_refine.ls_R_factor_obs                          0.1102 
_refine.ls_R_factor_R_free                       0.1482 
_refine.ls_R_factor_R_free_error                 ? 
_refine.ls_R_factor_R_free_error_details         ? 
_refine.ls_R_factor_R_work                       0.1086 
_refine.ls_R_Fsqd_factor_obs                     ? 
_refine.ls_R_I_factor_obs                        ? 
_refine.ls_redundancy_reflns_all                 ? 
_refine.ls_redundancy_reflns_obs                 ? 
_refine.ls_restrained_S_all                      ? 
_refine.ls_restrained_S_obs                      ? 
_refine.ls_shift_over_esd_max                    ? 
_refine.ls_shift_over_esd_mean                   ? 
_refine.ls_structure_factor_coef                 ? 
_refine.ls_weighting_details                     ? 
_refine.ls_weighting_scheme                      ? 
_refine.ls_wR_factor_all                         ? 
_refine.ls_wR_factor_obs                         ? 
_refine.ls_wR_factor_R_free                      ? 
_refine.ls_wR_factor_R_work                      ? 
_refine.occupancy_max                            ? 
_refine.occupancy_min                            ? 
_refine.solvent_model_details                    'FLAT BULK SOLVENT MODEL' 
_refine.solvent_model_param_bsol                 ? 
_refine.solvent_model_param_ksol                 ? 
_refine.ls_R_factor_gt                           ? 
_refine.ls_goodness_of_fit_gt                    ? 
_refine.ls_goodness_of_fit_ref                   ? 
_refine.ls_shift_over_su_max                     ? 
_refine.ls_shift_over_su_max_lt                  ? 
_refine.ls_shift_over_su_mean                    ? 
_refine.ls_shift_over_su_mean_lt                 ? 
_refine.pdbx_ls_sigma_I                          ? 
_refine.pdbx_ls_sigma_F                          2.100 
_refine.pdbx_ls_sigma_Fsqd                       ? 
_refine.pdbx_data_cutoff_high_absF               ? 
_refine.pdbx_data_cutoff_high_rms_absF           ? 
_refine.pdbx_data_cutoff_low_absF                ? 
_refine.pdbx_isotropic_thermal_model             ? 
_refine.pdbx_ls_cross_valid_method               'FREE R-VALUE' 
_refine.pdbx_method_to_determine_struct          'AB INITIO PHASING' 
_refine.pdbx_starting_model                      ? 
_refine.pdbx_stereochemistry_target_values       ML 
_refine.pdbx_R_Free_selection_details            ? 
_refine.pdbx_stereochem_target_val_spec_case     ? 
_refine.pdbx_overall_ESU_R                       ? 
_refine.pdbx_overall_ESU_R_Free                  ? 
_refine.pdbx_solvent_vdw_probe_radii             1.1100 
_refine.pdbx_solvent_ion_probe_radii             ? 
_refine.pdbx_solvent_shrinkage_radii             0.9000 
_refine.pdbx_real_space_R                        ? 
_refine.pdbx_density_correlation                 ? 
_refine.pdbx_pd_number_of_powder_patterns        ? 
_refine.pdbx_pd_number_of_points                 ? 
_refine.pdbx_pd_meas_number_of_points            ? 
_refine.pdbx_pd_proc_ls_prof_R_factor            ? 
_refine.pdbx_pd_proc_ls_prof_wR_factor           ? 
_refine.pdbx_pd_Marquardt_correlation_coeff      ? 
_refine.pdbx_pd_Fsqrd_R_factor                   ? 
_refine.pdbx_pd_ls_matrix_band_width             ? 
_refine.pdbx_overall_phase_error                 14.8700 
_refine.pdbx_overall_SU_R_free_Cruickshank_DPI   ? 
_refine.pdbx_overall_SU_R_free_Blow_DPI          ? 
_refine.pdbx_overall_SU_R_Blow_DPI               ? 
_refine.pdbx_TLS_residual_ADP_flag               ? 
_refine.pdbx_diffrn_id                           1 
_refine.overall_SU_B                             ? 
_refine.overall_SU_ML                            0.0800 
_refine.overall_SU_R_Cruickshank_DPI             ? 
_refine.overall_SU_R_free                        ? 
_refine.overall_FOM_free_R_set                   ? 
_refine.overall_FOM_work_R_set                   ? 
# 
_refine_hist.cycle_id                         final 
_refine_hist.pdbx_refine_id                   'X-RAY DIFFRACTION' 
_refine_hist.d_res_high                       1.0010 
_refine_hist.d_res_low                        9.3920 
_refine_hist.pdbx_number_atoms_ligand         0 
_refine_hist.number_atoms_solvent             9 
_refine_hist.number_atoms_total               101 
_refine_hist.pdbx_number_residues_total       14 
_refine_hist.pdbx_B_iso_mean_solvent          21.83 
_refine_hist.pdbx_number_atoms_protein        92 
_refine_hist.pdbx_number_atoms_nucleic_acid   0 
# 
loop_
_refine_ls_restr.pdbx_refine_id 
_refine_ls_restr.criterion 
_refine_ls_restr.dev_ideal 
_refine_ls_restr.dev_ideal_target 
_refine_ls_restr.number 
_refine_ls_restr.rejects 
_refine_ls_restr.type 
_refine_ls_restr.weight 
_refine_ls_restr.pdbx_restraint_function 
'X-RAY DIFFRACTION' ? 0.006 ? 110 ? f_bond_d           ? ? 
'X-RAY DIFFRACTION' ? 1.050 ? 148 ? f_angle_d          ? ? 
'X-RAY DIFFRACTION' ? 0.042 ? 18  ? f_chiral_restr     ? ? 
'X-RAY DIFFRACTION' ? 0.005 ? 16  ? f_plane_restr      ? ? 
'X-RAY DIFFRACTION' ? 7.639 ? 32  ? f_dihedral_angle_d ? ? 
# 
_refine_ls_shell.pdbx_refine_id                   'X-RAY DIFFRACTION' 
_refine_ls_shell.d_res_high                       1.0008 
_refine_ls_shell.d_res_low                        9.3927 
_refine_ls_shell.number_reflns_all                3131 
_refine_ls_shell.number_reflns_obs                ? 
_refine_ls_shell.number_reflns_R_free             148 
_refine_ls_shell.number_reflns_R_work             2983 
_refine_ls_shell.percent_reflns_obs               75.0000 
_refine_ls_shell.percent_reflns_R_free            ? 
_refine_ls_shell.R_factor_all                     ? 
_refine_ls_shell.R_factor_obs                     ? 
_refine_ls_shell.R_factor_R_free                  0.1482 
_refine_ls_shell.R_factor_R_free_error            ? 
_refine_ls_shell.R_factor_R_work                  0.1086 
_refine_ls_shell.redundancy_reflns_all            ? 
_refine_ls_shell.redundancy_reflns_obs            ? 
_refine_ls_shell.wR_factor_all                    ? 
_refine_ls_shell.wR_factor_obs                    ? 
_refine_ls_shell.wR_factor_R_free                 ? 
_refine_ls_shell.wR_factor_R_work                 ? 
_refine_ls_shell.pdbx_total_number_of_bins_used   1 
_refine_ls_shell.pdbx_phase_error                 ? 
# 
_struct.entry_id                     4W67 
_struct.title                        'Crystal structure of Prp peptide' 
_struct.pdbx_model_details           ? 
_struct.pdbx_formula_weight          ? 
_struct.pdbx_formula_weight_method   ? 
_struct.pdbx_model_type_details      ? 
_struct.pdbx_CASP_flag               ? 
# 
_struct_keywords.entry_id        4W67 
_struct_keywords.text            'prion peptide, de novo protein, membrane protein' 
_struct_keywords.pdbx_keywords   'de novo protein, membrane protein' 
# 
loop_
_struct_asym.id 
_struct_asym.pdbx_blank_PDB_chainid_flag 
_struct_asym.pdbx_modified 
_struct_asym.entity_id 
_struct_asym.details 
A N N 1 ? 
B N N 1 ? 
C N N 2 ? 
D N N 2 ? 
# 
_struct_ref.id                         1 
_struct_ref.db_name                    PDB 
_struct_ref.db_code                    4W67 
_struct_ref.pdbx_db_accession          4W67 
_struct_ref.pdbx_db_isoform            ? 
_struct_ref.entity_id                  1 
_struct_ref.pdbx_seq_one_letter_code   ? 
_struct_ref.pdbx_align_begin           1 
# 
loop_
_struct_ref_seq.align_id 
_struct_ref_seq.ref_id 
_struct_ref_seq.pdbx_PDB_id_code 
_struct_ref_seq.pdbx_strand_id 
_struct_ref_seq.seq_align_beg 
_struct_ref_seq.pdbx_seq_align_beg_ins_code 
_struct_ref_seq.seq_align_end 
_struct_ref_seq.pdbx_seq_align_end_ins_code 
_struct_ref_seq.pdbx_db_accession 
_struct_ref_seq.db_align_beg 
_struct_ref_seq.pdbx_db_align_beg_ins_code 
_struct_ref_seq.db_align_end 
_struct_ref_seq.pdbx_db_align_end_ins_code 
_struct_ref_seq.pdbx_auth_seq_align_beg 
_struct_ref_seq.pdbx_auth_seq_align_end 
1 1 4W67 A 1 ? 7 ? 4W67 127 ? 133 ? 127 133 
2 1 4W67 B 1 ? 7 ? 4W67 127 ? 133 ? 127 133 
# 
_pdbx_struct_assembly.id                   1 
_pdbx_struct_assembly.details              author_defined_assembly 
_pdbx_struct_assembly.method_details       ? 
_pdbx_struct_assembly.oligomeric_details   octameric 
_pdbx_struct_assembly.oligomeric_count     8 
# 
_pdbx_struct_assembly_gen.assembly_id       1 
_pdbx_struct_assembly_gen.oper_expression   1,2,3,4 
_pdbx_struct_assembly_gen.asym_id_list      A,B,C,D 
# 
loop_
_pdbx_struct_oper_list.id 
_pdbx_struct_oper_list.type 
_pdbx_struct_oper_list.name 
_pdbx_struct_oper_list.symmetry_operation 
_pdbx_struct_oper_list.matrix[1][1] 
_pdbx_struct_oper_list.matrix[1][2] 
_pdbx_struct_oper_list.matrix[1][3] 
_pdbx_struct_oper_list.vector[1] 
_pdbx_struct_oper_list.matrix[2][1] 
_pdbx_struct_oper_list.matrix[2][2] 
_pdbx_struct_oper_list.matrix[2][3] 
_pdbx_struct_oper_list.vector[2] 
_pdbx_struct_oper_list.matrix[3][1] 
_pdbx_struct_oper_list.matrix[3][2] 
_pdbx_struct_oper_list.matrix[3][3] 
_pdbx_struct_oper_list.vector[3] 
1 'identity operation'         1_555 x,y,z     1.0000000000 0.0000000000 0.0000000000 0.0000000000   0.0000000000 1.0000000000 0.0000000000 0.0000000000  0.0000000000 0.0000000000 1.0000000000 0.0000000000  
2 'crystal symmetry operation' 1_655 x+1,y,z   1.0000000000 0.0000000000 0.0000000000 -1.0765425895  0.0000000000 1.0000000000 0.0000000000 -6.1951233966 0.0000000000 0.0000000000 1.0000000000 5.7475962935  
3 'crystal symmetry operation' 1_645 x+1,y-1,z 1.0000000000 0.0000000000 0.0000000000 -10.5320452866 0.0000000000 1.0000000000 0.0000000000 -5.6241847146 0.0000000000 0.0000000000 1.0000000000 4.6166242482  
4 'crystal symmetry operation' 1_545 x,y-1,z   1.0000000000 0.0000000000 0.0000000000 -9.4555026971  0.0000000000 1.0000000000 0.0000000000 0.5709386820  0.0000000000 0.0000000000 1.0000000000 -1.1309720454 
# 
_struct_biol.details                      
;BIOLOGICAL UNIT DISPLAYS ONLY A PORTION OF THE CRYSTAL       
LATTICE TO DEMONSTRATE THE CRYSTAL PACKING CONTENT. THE CRYSTAL      
PACKING IS FORMED BY A REPETITION IN BOTH DIRECTIONS OF THE PORTION   INDICATED IN REMARK 350.
;
_struct_biol.id                           1 
_struct_biol.pdbx_parent_biol_id          ? 
_struct_biol.pdbx_formula_weight          ? 
_struct_biol.pdbx_formula_weight_method   ? 
_struct_biol.pdbx_aggregation_state       ? 
_struct_biol.pdbx_assembly_method         ? 
# 
_struct_sheet.id               AA1 
_struct_sheet.type             ? 
_struct_sheet.number_strands   2 
_struct_sheet.details          ? 
# 
_struct_sheet_order.sheet_id     AA1 
_struct_sheet_order.range_id_1   1 
_struct_sheet_order.range_id_2   2 
_struct_sheet_order.offset       ? 
_struct_sheet_order.sense        anti-parallel 
# 
loop_
_struct_sheet_range.sheet_id 
_struct_sheet_range.id 
_struct_sheet_range.beg_label_comp_id 
_struct_sheet_range.beg_label_asym_id 
_struct_sheet_range.beg_label_seq_id 
_struct_sheet_range.pdbx_beg_PDB_ins_code 
_struct_sheet_range.end_label_comp_id 
_struct_sheet_range.end_label_asym_id 
_struct_sheet_range.end_label_seq_id 
_struct_sheet_range.pdbx_end_PDB_ins_code 
_struct_sheet_range.beg_auth_comp_id 
_struct_sheet_range.beg_auth_asym_id 
_struct_sheet_range.beg_auth_seq_id 
_struct_sheet_range.end_auth_comp_id 
_struct_sheet_range.end_auth_asym_id 
_struct_sheet_range.end_auth_seq_id 
AA1 1 VAL A 3 ? GLY A 5 ? VAL A 129 GLY A 131 
AA1 2 VAL B 3 ? GLY B 5 ? VAL B 129 GLY B 131 
# 
_pdbx_struct_sheet_hbond.sheet_id                AA1 
_pdbx_struct_sheet_hbond.range_id_1              1 
_pdbx_struct_sheet_hbond.range_id_2              2 
_pdbx_struct_sheet_hbond.range_1_label_atom_id   N 
_pdbx_struct_sheet_hbond.range_1_label_comp_id   LEU 
_pdbx_struct_sheet_hbond.range_1_label_asym_id   A 
_pdbx_struct_sheet_hbond.range_1_label_seq_id    4 
_pdbx_struct_sheet_hbond.range_1_PDB_ins_code    ? 
_pdbx_struct_sheet_hbond.range_1_auth_atom_id    N 
_pdbx_struct_sheet_hbond.range_1_auth_comp_id    LEU 
_pdbx_struct_sheet_hbond.range_1_auth_asym_id    A 
_pdbx_struct_sheet_hbond.range_1_auth_seq_id     130 
_pdbx_struct_sheet_hbond.range_2_label_atom_id   O 
_pdbx_struct_sheet_hbond.range_2_label_comp_id   LEU 
_pdbx_struct_sheet_hbond.range_2_label_asym_id   B 
_pdbx_struct_sheet_hbond.range_2_label_seq_id    4 
_pdbx_struct_sheet_hbond.range_2_PDB_ins_code    ? 
_pdbx_struct_sheet_hbond.range_2_auth_atom_id    O 
_pdbx_struct_sheet_hbond.range_2_auth_comp_id    LEU 
_pdbx_struct_sheet_hbond.range_2_auth_asym_id    B 
_pdbx_struct_sheet_hbond.range_2_auth_seq_id     130 
# 
loop_
_chem_comp_atom.comp_id 
_chem_comp_atom.atom_id 
_chem_comp_atom.type_symbol 
_chem_comp_atom.pdbx_aromatic_flag 
_chem_comp_atom.pdbx_stereo_config 
_chem_comp_atom.pdbx_ordinal 
ALA N    N N N 1   
ALA CA   C N S 2   
ALA C    C N N 3   
ALA O    O N N 4   
ALA CB   C N N 5   
ALA OXT  O N N 6   
ALA H    H N N 7   
ALA H2   H N N 8   
ALA HA   H N N 9   
ALA HB1  H N N 10  
ALA HB2  H N N 11  
ALA HB3  H N N 12  
ALA HXT  H N N 13  
GLY N    N N N 14  
GLY CA   C N N 15  
GLY C    C N N 16  
GLY O    O N N 17  
GLY OXT  O N N 18  
GLY H    H N N 19  
GLY H2   H N N 20  
GLY HA2  H N N 21  
GLY HA3  H N N 22  
GLY HXT  H N N 23  
HOH O    O N N 24  
HOH H1   H N N 25  
HOH H2   H N N 26  
LEU N    N N N 27  
LEU CA   C N S 28  
LEU C    C N N 29  
LEU O    O N N 30  
LEU CB   C N N 31  
LEU CG   C N N 32  
LEU CD1  C N N 33  
LEU CD2  C N N 34  
LEU OXT  O N N 35  
LEU H    H N N 36  
LEU H2   H N N 37  
LEU HA   H N N 38  
LEU HB2  H N N 39  
LEU HB3  H N N 40  
LEU HG   H N N 41  
LEU HD11 H N N 42  
LEU HD12 H N N 43  
LEU HD13 H N N 44  
LEU HD21 H N N 45  
LEU HD22 H N N 46  
LEU HD23 H N N 47  
LEU HXT  H N N 48  
SER N    N N N 49  
SER CA   C N S 50  
SER C    C N N 51  
SER O    O N N 52  
SER CB   C N N 53  
SER OG   O N N 54  
SER OXT  O N N 55  
SER H    H N N 56  
SER H2   H N N 57  
SER HA   H N N 58  
SER HB2  H N N 59  
SER HB3  H N N 60  
SER HG   H N N 61  
SER HXT  H N N 62  
TYR N    N N N 63  
TYR CA   C N S 64  
TYR C    C N N 65  
TYR O    O N N 66  
TYR CB   C N N 67  
TYR CG   C Y N 68  
TYR CD1  C Y N 69  
TYR CD2  C Y N 70  
TYR CE1  C Y N 71  
TYR CE2  C Y N 72  
TYR CZ   C Y N 73  
TYR OH   O N N 74  
TYR OXT  O N N 75  
TYR H    H N N 76  
TYR H2   H N N 77  
TYR HA   H N N 78  
TYR HB2  H N N 79  
TYR HB3  H N N 80  
TYR HD1  H N N 81  
TYR HD2  H N N 82  
TYR HE1  H N N 83  
TYR HE2  H N N 84  
TYR HH   H N N 85  
TYR HXT  H N N 86  
VAL N    N N N 87  
VAL CA   C N S 88  
VAL C    C N N 89  
VAL O    O N N 90  
VAL CB   C N N 91  
VAL CG1  C N N 92  
VAL CG2  C N N 93  
VAL OXT  O N N 94  
VAL H    H N N 95  
VAL H2   H N N 96  
VAL HA   H N N 97  
VAL HB   H N N 98  
VAL HG11 H N N 99  
VAL HG12 H N N 100 
VAL HG13 H N N 101 
VAL HG21 H N N 102 
VAL HG22 H N N 103 
VAL HG23 H N N 104 
VAL HXT  H N N 105 
# 
loop_
_chem_comp_bond.comp_id 
_chem_comp_bond.atom_id_1 
_chem_comp_bond.atom_id_2 
_chem_comp_bond.value_order 
_chem_comp_bond.pdbx_aromatic_flag 
_chem_comp_bond.pdbx_stereo_config 
_chem_comp_bond.pdbx_ordinal 
ALA N   CA   sing N N 1  
ALA N   H    sing N N 2  
ALA N   H2   sing N N 3  
ALA CA  C    sing N N 4  
ALA CA  CB   sing N N 5  
ALA CA  HA   sing N N 6  
ALA C   O    doub N N 7  
ALA C   OXT  sing N N 8  
ALA CB  HB1  sing N N 9  
ALA CB  HB2  sing N N 10 
ALA CB  HB3  sing N N 11 
ALA OXT HXT  sing N N 12 
GLY N   CA   sing N N 13 
GLY N   H    sing N N 14 
GLY N   H2   sing N N 15 
GLY CA  C    sing N N 16 
GLY CA  HA2  sing N N 17 
GLY CA  HA3  sing N N 18 
GLY C   O    doub N N 19 
GLY C   OXT  sing N N 20 
GLY OXT HXT  sing N N 21 
HOH O   H1   sing N N 22 
HOH O   H2   sing N N 23 
LEU N   CA   sing N N 24 
LEU N   H    sing N N 25 
LEU N   H2   sing N N 26 
LEU CA  C    sing N N 27 
LEU CA  CB   sing N N 28 
LEU CA  HA   sing N N 29 
LEU C   O    doub N N 30 
LEU C   OXT  sing N N 31 
LEU CB  CG   sing N N 32 
LEU CB  HB2  sing N N 33 
LEU CB  HB3  sing N N 34 
LEU CG  CD1  sing N N 35 
LEU CG  CD2  sing N N 36 
LEU CG  HG   sing N N 37 
LEU CD1 HD11 sing N N 38 
LEU CD1 HD12 sing N N 39 
LEU CD1 HD13 sing N N 40 
LEU CD2 HD21 sing N N 41 
LEU CD2 HD22 sing N N 42 
LEU CD2 HD23 sing N N 43 
LEU OXT HXT  sing N N 44 
SER N   CA   sing N N 45 
SER N   H    sing N N 46 
SER N   H2   sing N N 47 
SER CA  C    sing N N 48 
SER CA  CB   sing N N 49 
SER CA  HA   sing N N 50 
SER C   O    doub N N 51 
SER C   OXT  sing N N 52 
SER CB  OG   sing N N 53 
SER CB  HB2  sing N N 54 
SER CB  HB3  sing N N 55 
SER OG  HG   sing N N 56 
SER OXT HXT  sing N N 57 
TYR N   CA   sing N N 58 
TYR N   H    sing N N 59 
TYR N   H2   sing N N 60 
TYR CA  C    sing N N 61 
TYR CA  CB   sing N N 62 
TYR CA  HA   sing N N 63 
TYR C   O    doub N N 64 
TYR C   OXT  sing N N 65 
TYR CB  CG   sing N N 66 
TYR CB  HB2  sing N N 67 
TYR CB  HB3  sing N N 68 
TYR CG  CD1  doub Y N 69 
TYR CG  CD2  sing Y N 70 
TYR CD1 CE1  sing Y N 71 
TYR CD1 HD1  sing N N 72 
TYR CD2 CE2  doub Y N 73 
TYR CD2 HD2  sing N N 74 
TYR CE1 CZ   doub Y N 75 
TYR CE1 HE1  sing N N 76 
TYR CE2 CZ   sing Y N 77 
TYR CE2 HE2  sing N N 78 
TYR CZ  OH   sing N N 79 
TYR OH  HH   sing N N 80 
TYR OXT HXT  sing N N 81 
VAL N   CA   sing N N 82 
VAL N   H    sing N N 83 
VAL N   H2   sing N N 84 
VAL CA  C    sing N N 85 
VAL CA  CB   sing N N 86 
VAL CA  HA   sing N N 87 
VAL C   O    doub N N 88 
VAL C   OXT  sing N N 89 
VAL CB  CG1  sing N N 90 
VAL CB  CG2  sing N N 91 
VAL CB  HB   sing N N 92 
VAL CG1 HG11 sing N N 93 
VAL CG1 HG12 sing N N 94 
VAL CG1 HG13 sing N N 95 
VAL CG2 HG21 sing N N 96 
VAL CG2 HG22 sing N N 97 
VAL CG2 HG23 sing N N 98 
VAL OXT HXT  sing N N 99 
# 
_atom_sites.entry_id                    4W67 
_atom_sites.fract_transf_matrix[1][1]   -0.01556262 
_atom_sites.fract_transf_matrix[1][2]   -0.07162341 
_atom_sites.fract_transf_matrix[1][3]   0.09387109 
_atom_sites.fract_transf_matrix[2][1]   0.10301521 
_atom_sites.fract_transf_matrix[2][2]   0.00635332 
_atom_sites.fract_transf_matrix[2][3]   0.02614308 
_atom_sites.fract_transf_matrix[3][1]   -0.00185830 
_atom_sites.fract_transf_matrix[3][2]   0.02771937 
_atom_sites.fract_transf_matrix[3][3]   0.02952963 
_atom_sites.fract_transf_vector[1]      0.462882 
_atom_sites.fract_transf_vector[2]      0.526423 
_atom_sites.fract_transf_vector[3]      0.724767 
# 
loop_
_atom_type.symbol 
C 
N 
O 
# 
loop_
_atom_site.group_PDB 
_atom_site.id 
_atom_site.type_symbol 
_atom_site.label_atom_id 
_atom_site.label_alt_id 
_atom_site.label_comp_id 
_atom_site.label_asym_id 
_atom_site.label_entity_id 
_atom_site.label_seq_id 
_atom_site.pdbx_PDB_ins_code 
_atom_site.Cartn_x 
_atom_site.Cartn_y 
_atom_site.Cartn_z 
_atom_site.occupancy 
_atom_site.B_iso_or_equiv 
_atom_site.pdbx_formal_charge 
_atom_site.auth_seq_id 
_atom_site.auth_comp_id 
_atom_site.auth_asym_id 
_atom_site.auth_atom_id 
_atom_site.pdbx_PDB_model_num 
ATOM   1   N N   . GLY A 1 1 ? 3.294  -5.934 -9.363  1.00 9.20  ? 127 GLY A N   1 
ATOM   2   C CA  . GLY A 1 1 ? 2.439  -5.476 -8.281  1.00 7.09  ? 127 GLY A CA  1 
ATOM   3   C C   . GLY A 1 1 ? 3.229  -4.747 -7.213  1.00 5.40  ? 127 GLY A C   1 
ATOM   4   O O   . GLY A 1 1 ? 4.431  -4.507 -7.371  1.00 6.47  ? 127 GLY A O   1 
ATOM   5   N N   . TYR A 1 2 ? 2.559  -4.401 -6.120  1.00 3.77  ? 128 TYR A N   1 
ATOM   6   C CA  . TYR A 1 2 ? 3.174  -3.570 -5.095  1.00 3.32  ? 128 TYR A CA  1 
ATOM   7   C C   . TYR A 1 2 ? 2.328  -3.584 -3.838  1.00 2.46  ? 128 TYR A C   1 
ATOM   8   O O   . TYR A 1 2 ? 1.140  -3.943 -3.861  1.00 2.52  ? 128 TYR A O   1 
ATOM   9   C CB  . TYR A 1 2 ? 3.344  -2.122 -5.591  1.00 4.41  ? 128 TYR A CB  1 
ATOM   10  C CG  . TYR A 1 2 ? 2.077  -1.567 -6.209  1.00 4.96  ? 128 TYR A CG  1 
ATOM   11  C CD1 . TYR A 1 2 ? 1.017  -1.146 -5.412  1.00 5.97  ? 128 TYR A CD1 1 
ATOM   12  C CD2 . TYR A 1 2 ? 1.928  -1.491 -7.591  1.00 5.00  ? 128 TYR A CD2 1 
ATOM   13  C CE1 . TYR A 1 2 ? -0.149 -0.666 -5.966  1.00 6.75  ? 128 TYR A CE1 1 
ATOM   14  C CE2 . TYR A 1 2 ? 0.760  -1.000 -8.160  1.00 5.07  ? 128 TYR A CE2 1 
ATOM   15  C CZ  . TYR A 1 2 ? -0.277 -0.597 -7.339  1.00 5.81  ? 128 TYR A CZ  1 
ATOM   16  O OH  . TYR A 1 2 ? -1.450 -0.114 -7.869  1.00 7.53  ? 128 TYR A OH  1 
ATOM   17  N N   . VAL A 1 3 ? 2.941  -3.147 -2.747  1.00 2.30  ? 129 VAL A N   1 
ATOM   18  C CA  . VAL A 1 3 ? 2.232  -2.932 -1.499  1.00 3.56  ? 129 VAL A CA  1 
ATOM   19  C C   . VAL A 1 3 ? 2.922  -1.739 -0.829  1.00 3.00  ? 129 VAL A C   1 
ATOM   20  O O   . VAL A 1 3 ? 4.154  -1.671 -0.771  1.00 3.29  ? 129 VAL A O   1 
ATOM   21  C CB  . VAL A 1 3 ? 2.226  -4.207 -0.617  1.00 5.93  ? 129 VAL A CB  1 
ATOM   22  C CG1 . VAL A 1 3 ? 3.647  -4.768 -0.424  1.00 7.22  ? 129 VAL A CG1 1 
ATOM   23  C CG2 . VAL A 1 3 ? 1.539  -3.957 0.707   1.00 7.89  ? 129 VAL A CG2 1 
ATOM   24  N N   . LEU A 1 4 ? 2.117  -0.783 -0.376  1.00 2.96  ? 130 LEU A N   1 
ATOM   25  C CA  . LEU A 1 4 ? 2.615  0.494  0.125   1.00 3.19  ? 130 LEU A CA  1 
ATOM   26  C C   . LEU A 1 4 ? 1.797  0.947  1.314   1.00 3.69  ? 130 LEU A C   1 
ATOM   27  O O   . LEU A 1 4 ? 0.563  0.933  1.261   1.00 5.71  ? 130 LEU A O   1 
ATOM   28  C CB  . LEU A 1 4 ? 2.552  1.563  -0.973  1.00 4.29  ? 130 LEU A CB  1 
ATOM   29  C CG  . LEU A 1 4 ? 2.793  3.013  -0.547  1.00 5.60  ? 130 LEU A CG  1 
ATOM   30  C CD1 . LEU A 1 4 ? 4.224  3.233  -0.093  1.00 5.35  ? 130 LEU A CD1 1 
ATOM   31  C CD2 . LEU A 1 4 ? 2.431  3.961  -1.691  1.00 7.58  ? 130 LEU A CD2 1 
ATOM   32  N N   . GLY A 1 5 ? 2.462  1.368  2.383   1.00 3.07  ? 131 GLY A N   1 
ATOM   33  C CA  . GLY A 1 5 ? 1.752  1.938  3.511   1.00 3.59  ? 131 GLY A CA  1 
ATOM   34  C C   . GLY A 1 5 ? 2.476  3.149  4.065   1.00 3.10  ? 131 GLY A C   1 
ATOM   35  O O   . GLY A 1 5 ? 3.700  3.253  3.980   1.00 3.58  ? 131 GLY A O   1 
ATOM   36  N N   . SER A 1 6 ? 1.708  4.075  4.627   1.00 3.42  ? 132 SER A N   1 
ATOM   37  C CA  A SER A 1 6 ? 2.290  5.200  5.340   0.92 3.84  ? 132 SER A CA  1 
ATOM   38  C CA  B SER A 1 6 ? 2.272  5.204  5.353   0.08 3.90  ? 132 SER A CA  1 
ATOM   39  C C   . SER A 1 6 ? 2.790  4.727  6.701   1.00 4.44  ? 132 SER A C   1 
ATOM   40  O O   . SER A 1 6 ? 2.302  3.736  7.239   1.00 5.32  ? 132 SER A O   1 
ATOM   41  C CB  A SER A 1 6 ? 1.263  6.321  5.489   0.92 4.62  ? 132 SER A CB  1 
ATOM   42  C CB  B SER A 1 6 ? 1.229  6.302  5.553   0.08 3.93  ? 132 SER A CB  1 
ATOM   43  O OG  A SER A 1 6 ? 0.087  5.835  6.105   0.92 4.96  ? 132 SER A OG  1 
ATOM   44  O OG  B SER A 1 6 ? 0.618  6.655  4.329   0.08 3.90  ? 132 SER A OG  1 
ATOM   45  N N   A ALA A 1 7 ? 3.767  5.432  7.253   0.46 4.93  ? 133 ALA A N   1 
ATOM   46  N N   B ALA A 1 7 ? 3.764  5.441  7.254   0.54 4.69  ? 133 ALA A N   1 
ATOM   47  C CA  A ALA A 1 7 ? 4.333  5.037  8.530   0.46 6.12  ? 133 ALA A CA  1 
ATOM   48  C CA  B ALA A 1 7 ? 4.317  5.086  8.553   0.54 5.76  ? 133 ALA A CA  1 
ATOM   49  C C   A ALA A 1 7 ? 5.015  6.213  9.217   0.46 6.40  ? 133 ALA A C   1 
ATOM   50  C C   B ALA A 1 7 ? 4.873  6.319  9.261   0.54 5.51  ? 133 ALA A C   1 
ATOM   51  O O   A ALA A 1 7 ? 5.320  6.145  10.404  0.46 5.43  ? 133 ALA A O   1 
ATOM   52  O O   B ALA A 1 7 ? 4.872  7.411  8.702   0.54 3.78  ? 133 ALA A O   1 
ATOM   53  C CB  A ALA A 1 7 ? 5.317  3.881  8.341   0.46 7.08  ? 133 ALA A CB  1 
ATOM   54  C CB  B ALA A 1 7 ? 5.400  4.021  8.396   0.54 7.07  ? 133 ALA A CB  1 
ATOM   55  N N   . GLY B 1 1 ? -2.683 9.417  6.149   1.00 9.04  ? 127 GLY B N   1 
ATOM   56  C CA  . GLY B 1 1 ? -1.963 8.217  5.757   1.00 6.57  ? 127 GLY B CA  1 
ATOM   57  C C   . GLY B 1 1 ? -2.776 7.366  4.801   1.00 5.31  ? 127 GLY B C   1 
ATOM   58  O O   . GLY B 1 1 ? -3.871 7.752  4.389   1.00 6.25  ? 127 GLY B O   1 
ATOM   59  N N   . TYR B 1 2 ? -2.243 6.204  4.451   1.00 3.82  ? 128 TYR B N   1 
ATOM   60  C CA  . TYR B 1 2 ? -2.870 5.361  3.438   1.00 3.28  ? 128 TYR B CA  1 
ATOM   61  C C   . TYR B 1 2 ? -2.268 3.974  3.479   1.00 2.54  ? 128 TYR B C   1 
ATOM   62  O O   . TYR B 1 2 ? -1.186 3.756  4.039   1.00 2.73  ? 128 TYR B O   1 
ATOM   63  C CB  . TYR B 1 2 ? -2.690 5.966  2.035   1.00 4.28  ? 128 TYR B CB  1 
ATOM   64  C CG  . TYR B 1 2 ? -1.255 6.369  1.758   1.00 4.85  ? 128 TYR B CG  1 
ATOM   65  C CD1 . TYR B 1 2 ? -0.289 5.414  1.454   1.00 5.62  ? 128 TYR B CD1 1 
ATOM   66  C CD2 . TYR B 1 2 ? -0.857 7.699  1.821   1.00 5.23  ? 128 TYR B CD2 1 
ATOM   67  C CE1 . TYR B 1 2 ? 1.026  5.771  1.224   1.00 6.12  ? 128 TYR B CE1 1 
ATOM   68  C CE2 . TYR B 1 2 ? 0.462  8.068  1.585   1.00 4.78  ? 128 TYR B CE2 1 
ATOM   69  C CZ  . TYR B 1 2 ? 1.397  7.096  1.293   1.00 5.39  ? 128 TYR B CZ  1 
ATOM   70  O OH  . TYR B 1 2 ? 2.713  7.429  1.060   1.00 7.36  ? 128 TYR B OH  1 
ATOM   71  N N   . VAL B 1 3 ? -2.962 3.045  2.838   1.00 2.21  ? 129 VAL B N   1 
ATOM   72  C CA  . VAL B 1 3 ? -2.447 1.702  2.641   1.00 3.09  ? 129 VAL B CA  1 
ATOM   73  C C   . VAL B 1 3 ? -3.004 1.240  1.293   1.00 2.86  ? 129 VAL B C   1 
ATOM   74  O O   . VAL B 1 3 ? -4.194 1.407  1.009   1.00 2.97  ? 129 VAL B O   1 
ATOM   75  C CB  . VAL B 1 3 ? -2.827 0.762  3.816   1.00 5.74  ? 129 VAL B CB  1 
ATOM   76  C CG1 . VAL B 1 3 ? -4.349 0.762  4.086   1.00 6.45  ? 129 VAL B CG1 1 
ATOM   77  C CG2 . VAL B 1 3 ? -2.303 -0.636 3.582   1.00 7.88  ? 129 VAL B CG2 1 
ATOM   78  N N   . LEU B 1 4 ? -2.122 0.706  0.451   1.00 3.14  ? 130 LEU B N   1 
ATOM   79  C CA  . LEU B 1 4 ? -2.464 0.382  -0.933  1.00 3.49  ? 130 LEU B CA  1 
ATOM   80  C C   . LEU B 1 4 ? -1.789 -0.913 -1.341  1.00 3.89  ? 130 LEU B C   1 
ATOM   81  O O   . LEU B 1 4 ? -0.591 -1.089 -1.110  1.00 5.77  ? 130 LEU B O   1 
ATOM   82  C CB  . LEU B 1 4 ? -2.026 1.515  -1.877  1.00 4.43  ? 130 LEU B CB  1 
ATOM   83  C CG  . LEU B 1 4 ? -2.066 1.220  -3.380  1.00 5.92  ? 130 LEU B CG  1 
ATOM   84  C CD1 . LEU B 1 4 ? -3.495 1.052  -3.881  1.00 6.04  ? 130 LEU B CD1 1 
ATOM   85  C CD2 . LEU B 1 4 ? -1.346 2.323  -4.148  1.00 8.26  ? 130 LEU B CD2 1 
ATOM   86  N N   . GLY B 1 5 ? -2.538 -1.821 -1.959  1.00 3.04  ? 131 GLY B N   1 
ATOM   87  C CA  . GLY B 1 5 ? -1.935 -3.024 -2.504  1.00 3.61  ? 131 GLY B CA  1 
ATOM   88  C C   . GLY B 1 5 ? -2.510 -3.357 -3.869  1.00 3.38  ? 131 GLY B C   1 
ATOM   89  O O   . GLY B 1 5 ? -3.659 -3.040 -4.171  1.00 3.71  ? 131 GLY B O   1 
ATOM   90  N N   . SER B 1 6 ? -1.694 -3.989 -4.704  1.00 3.44  ? 132 SER B N   1 
ATOM   91  C CA  A SER B 1 6 ? -2.174 -4.503 -5.975  0.88 3.81  ? 132 SER B CA  1 
ATOM   92  C CA  B SER B 1 6 ? -2.164 -4.523 -5.976  0.12 3.91  ? 132 SER B CA  1 
ATOM   93  C C   . SER B 1 6 ? -2.982 -5.780 -5.724  1.00 4.40  ? 132 SER B C   1 
ATOM   94  O O   . SER B 1 6 ? -2.784 -6.461 -4.721  1.00 5.86  ? 132 SER B O   1 
ATOM   95  C CB  A SER B 1 6 ? -1.001 -4.767 -6.921  0.88 4.63  ? 132 SER B CB  1 
ATOM   96  C CB  B SER B 1 6 ? -0.991 -4.845 -6.902  0.12 4.02  ? 132 SER B CB  1 
ATOM   97  O OG  A SER B 1 6 ? -0.043 -5.606 -6.305  0.88 4.92  ? 132 SER B OG  1 
ATOM   98  O OG  B SER B 1 6 ? -0.112 -3.746 -7.017  0.12 4.00  ? 132 SER B OG  1 
ATOM   99  N N   A ALA B 1 7 ? -3.896 -6.093 -6.635  0.41 4.73  ? 133 ALA B N   1 
ATOM   100 N N   B ALA B 1 7 ? -3.886 -6.106 -6.643  0.59 4.45  ? 133 ALA B N   1 
ATOM   101 C CA  A ALA B 1 7 ? -4.732 -7.270 -6.472  0.41 5.84  ? 133 ALA B CA  1 
ATOM   102 C CA  B ALA B 1 7 ? -4.675 -7.322 -6.514  0.59 5.65  ? 133 ALA B CA  1 
ATOM   103 C C   A ALA B 1 7 ? -5.230 -7.777 -7.819  0.41 5.81  ? 133 ALA B C   1 
ATOM   104 C C   B ALA B 1 7 ? -5.218 -7.774 -7.867  0.59 5.69  ? 133 ALA B C   1 
ATOM   105 O O   A ALA B 1 7 ? -5.804 -8.860 -7.898  0.41 4.59  ? 133 ALA B O   1 
ATOM   106 O O   B ALA B 1 7 ? -4.864 -7.220 -8.901  0.59 4.28  ? 133 ALA B O   1 
ATOM   107 C CB  A ALA B 1 7 ? -5.907 -6.961 -5.545  0.41 6.82  ? 133 ALA B CB  1 
ATOM   108 C CB  B ALA B 1 7 ? -5.818 -7.112 -5.521  0.59 6.80  ? 133 ALA B CB  1 
HETATM 109 O O   . HOH C 2 . ? 5.533  -5.152 -10.723 1.00 22.43 ? 201 HOH A O   1 
HETATM 110 O O   . HOH C 2 . ? 5.172  9.622  10.463  1.00 17.64 ? 202 HOH A O   1 
HETATM 111 O O   . HOH C 2 . ? -2.645 -2.742 -8.852  1.00 23.02 0 203 HOH A O   1 
HETATM 112 O O   . HOH C 2 . ? 2.386  2.073  9.852   1.00 23.42 ? 204 HOH A O   1 
HETATM 113 O O   . HOH C 2 . ? 4.460  -9.329 -10.170 1.00 19.30 ? 205 HOH A O   1 
HETATM 114 O O   . HOH C 2 . ? 6.023  -7.811 -11.628 1.00 23.59 0 206 HOH A O   1 
HETATM 115 O O   . HOH C 2 . ? 0.538  -8.978 -9.515  1.00 19.05 ? 207 HOH A O   1 
HETATM 116 O O   . HOH C 2 . ? 8.231  -4.336 -9.261  1.00 27.26 ? 208 HOH A O   1 
HETATM 117 O O   . HOH D 2 . ? -0.489 -8.201 -6.905  1.00 20.80 ? 201 HOH B O   1 
# 
loop_
_atom_site_anisotrop.id 
_atom_site_anisotrop.type_symbol 
_atom_site_anisotrop.pdbx_label_atom_id 
_atom_site_anisotrop.pdbx_label_alt_id 
_atom_site_anisotrop.pdbx_label_comp_id 
_atom_site_anisotrop.pdbx_label_asym_id 
_atom_site_anisotrop.pdbx_label_seq_id 
_atom_site_anisotrop.pdbx_PDB_ins_code 
_atom_site_anisotrop.U[1][1] 
_atom_site_anisotrop.U[2][2] 
_atom_site_anisotrop.U[3][3] 
_atom_site_anisotrop.U[1][2] 
_atom_site_anisotrop.U[1][3] 
_atom_site_anisotrop.U[2][3] 
_atom_site_anisotrop.pdbx_auth_seq_id 
_atom_site_anisotrop.pdbx_auth_comp_id 
_atom_site_anisotrop.pdbx_auth_asym_id 
_atom_site_anisotrop.pdbx_auth_atom_id 
1   N N   . GLY A 1 ? 0.1110 0.1575 0.0810 -0.0040 0.0099  -0.0596 127 GLY A N   
2   C CA  . GLY A 1 ? 0.0732 0.1362 0.0601 0.0005  -0.0074 -0.0435 127 GLY A CA  
3   C C   . GLY A 1 ? 0.0580 0.1036 0.0435 0.0065  -0.0106 -0.0210 127 GLY A C   
4   O O   . GLY A 1 ? 0.0823 0.1129 0.0506 -0.0007 0.0093  -0.0189 127 GLY A O   
5   N N   . TYR A 2 ? 0.0375 0.0665 0.0393 0.0164  -0.0107 -0.0051 128 TYR A N   
6   C CA  . TYR A 2 ? 0.0412 0.0520 0.0327 0.0010  -0.0057 -0.0030 128 TYR A CA  
7   C C   . TYR A 2 ? 0.0332 0.0271 0.0330 0.0099  -0.0120 0.0059  128 TYR A C   
8   O O   . TYR A 2 ? 0.0270 0.0261 0.0428 0.0046  -0.0108 0.0014  128 TYR A O   
9   C CB  . TYR A 2 ? 0.0717 0.0545 0.0414 -0.0137 0.0154  0.0062  128 TYR A CB  
10  C CG  . TYR A 2 ? 0.0932 0.0512 0.0440 -0.0041 0.0160  0.0154  128 TYR A CG  
11  C CD1 . TYR A 2 ? 0.1256 0.0543 0.0470 0.0209  0.0115  0.0165  128 TYR A CD1 
12  C CD2 . TYR A 2 ? 0.0899 0.0610 0.0390 -0.0119 0.0160  0.0167  128 TYR A CD2 
13  C CE1 . TYR A 2 ? 0.1389 0.0656 0.0519 0.0378  0.0058  0.0145  128 TYR A CE1 
14  C CE2 . TYR A 2 ? 0.0980 0.0493 0.0453 0.0026  0.0063  0.0223  128 TYR A CE2 
15  C CZ  . TYR A 2 ? 0.1126 0.0556 0.0526 0.0215  -0.0019 0.0207  128 TYR A CZ  
16  O OH  . TYR A 2 ? 0.1406 0.0662 0.0793 0.0389  -0.0051 0.0198  128 TYR A OH  
17  N N   . VAL A 3 ? 0.0361 0.0244 0.0267 -0.0050 -0.0033 -0.0004 129 VAL A N   
18  C CA  . VAL A 3 ? 0.0465 0.0420 0.0469 -0.0100 0.0035  -0.0064 129 VAL A CA  
19  C C   . VAL A 3 ? 0.0300 0.0372 0.0468 -0.0119 0.0029  -0.0128 129 VAL A C   
20  O O   . VAL A 3 ? 0.0289 0.0364 0.0598 -0.0130 0.0106  -0.0186 129 VAL A O   
21  C CB  . VAL A 3 ? 0.0875 0.0681 0.0696 -0.0346 0.0156  -0.0078 129 VAL A CB  
22  C CG1 . VAL A 3 ? 0.1192 0.0668 0.0881 -0.0122 -0.0054 -0.0001 129 VAL A CG1 
23  C CG2 . VAL A 3 ? 0.1236 0.0930 0.0830 -0.0517 0.0401  -0.0208 129 VAL A CG2 
24  N N   . LEU A 4 ? 0.0171 0.0478 0.0473 0.0042  -0.0031 -0.0182 130 LEU A N   
25  C CA  . LEU A 4 ? 0.0334 0.0436 0.0440 0.0040  0.0017  -0.0112 130 LEU A CA  
26  C C   . LEU A 4 ? 0.0231 0.0566 0.0607 0.0028  -0.0007 -0.0312 130 LEU A C   
27  O O   . LEU A 4 ? 0.0382 0.0878 0.0907 0.0033  -0.0023 -0.0533 130 LEU A O   
28  C CB  . LEU A 4 ? 0.0778 0.0447 0.0408 0.0257  -0.0114 -0.0001 130 LEU A CB  
29  C CG  . LEU A 4 ? 0.1165 0.0478 0.0485 0.0303  -0.0116 0.0041  130 LEU A CG  
30  C CD1 . LEU A 4 ? 0.1053 0.0276 0.0701 0.0005  0.0141  0.0011  130 LEU A CD1 
31  C CD2 . LEU A 4 ? 0.1617 0.0689 0.0574 0.0469  -0.0103 0.0029  130 LEU A CD2 
32  N N   . GLY A 5 ? 0.0310 0.0486 0.0369 0.0022  -0.0008 -0.0143 131 GLY A N   
33  C CA  . GLY A 5 ? 0.0362 0.0557 0.0442 -0.0079 0.0041  -0.0168 131 GLY A CA  
34  C C   . GLY A 5 ? 0.0246 0.0550 0.0383 0.0013  -0.0017 -0.0092 131 GLY A C   
35  O O   . GLY A 5 ? 0.0211 0.0500 0.0648 -0.0012 -0.0014 -0.0154 131 GLY A O   
36  N N   . SER A 6 ? 0.0286 0.0577 0.0437 0.0005  -0.0057 -0.0131 132 SER A N   
37  C CA  A SER A 6 ? 0.0324 0.0516 0.0618 -0.0007 -0.0034 -0.0121 132 SER A CA  
38  C CA  B SER A 6 ? 0.0379 0.0559 0.0542 -0.0066 -0.0018 -0.0098 132 SER A CA  
39  C C   . SER A 6 ? 0.0474 0.0590 0.0621 -0.0129 -0.0041 -0.0080 132 SER A C   
40  O O   . SER A 6 ? 0.0754 0.0598 0.0670 -0.0192 -0.0096 0.0019  132 SER A O   
41  C CB  A SER A 6 ? 0.0417 0.0536 0.0804 0.0059  0.0032  -0.0208 132 SER A CB  
42  C CB  B SER A 6 ? 0.0389 0.0529 0.0577 -0.0077 0.0042  -0.0090 132 SER A CB  
43  O OG  A SER A 6 ? 0.0345 0.0685 0.0855 0.0128  -0.0078 -0.0373 132 SER A OG  
44  O OG  B SER A 6 ? 0.0374 0.0513 0.0594 -0.0102 0.0087  -0.0094 132 SER A OG  
45  N N   A ALA A 7 ? 0.0484 0.0782 0.0608 -0.0096 -0.0149 -0.0131 133 ALA A N   
46  N N   B ALA A 7 ? 0.0474 0.0659 0.0648 -0.0102 -0.0131 -0.0145 133 ALA A N   
47  C CA  A ALA A 7 ? 0.0683 0.0994 0.0650 -0.0002 -0.0194 -0.0151 133 ALA A CA  
48  C CA  B ALA A 7 ? 0.0688 0.0734 0.0764 -0.0008 -0.0141 -0.0171 133 ALA A CA  
49  C C   A ALA A 7 ? 0.0646 0.1149 0.0635 0.0007  -0.0222 -0.0238 133 ALA A C   
50  C C   B ALA A 7 ? 0.0610 0.0685 0.0798 -0.0060 -0.0082 -0.0243 133 ALA A C   
51  O O   A ALA A 7 ? 0.0666 0.0936 0.0461 -0.0024 -0.0305 -0.0060 133 ALA A O   
52  O O   B ALA A 7 ? 0.0553 0.0449 0.0433 -0.0136 -0.0214 -0.0089 133 ALA A O   
53  C CB  A ALA A 7 ? 0.0963 0.1020 0.0707 0.0158  -0.0294 -0.0106 133 ALA A CB  
54  C CB  B ALA A 7 ? 0.1032 0.0828 0.0825 0.0183  -0.0280 -0.0152 133 ALA A CB  
55  N N   . GLY B 1 ? 0.1180 0.0799 0.1456 0.0091  -0.0208 -0.0573 127 GLY B N   
56  C CA  . GLY B 1 ? 0.0749 0.0562 0.1186 -0.0066 -0.0094 -0.0394 127 GLY B CA  
57  C C   . GLY B 1 ? 0.0585 0.0464 0.0968 -0.0075 -0.0021 -0.0232 127 GLY B C   
58  O O   . GLY B 1 ? 0.0783 0.0487 0.1105 0.0068  -0.0115 -0.0219 127 GLY B O   
59  N N   . TYR B 2 ? 0.0410 0.0375 0.0667 -0.0101 0.0077  -0.0110 128 TYR B N   
60  C CA  . TYR B 2 ? 0.0408 0.0339 0.0498 -0.0096 -0.0044 -0.0054 128 TYR B CA  
61  C C   . TYR B 2 ? 0.0279 0.0375 0.0310 -0.0084 0.0092  -0.0016 128 TYR B C   
62  O O   . TYR B 2 ? 0.0307 0.0422 0.0308 -0.0102 0.0041  -0.0019 128 TYR B O   
63  C CB  . TYR B 2 ? 0.0820 0.0350 0.0455 0.0036  -0.0110 0.0120  128 TYR B CB  
64  C CG  . TYR B 2 ? 0.0954 0.0330 0.0560 0.0007  0.0081  0.0165  128 TYR B CG  
65  C CD1 . TYR B 2 ? 0.1086 0.0412 0.0636 -0.0009 0.0328  0.0129  128 TYR B CD1 
66  C CD2 . TYR B 2 ? 0.1005 0.0327 0.0654 0.0012  -0.0030 0.0173  128 TYR B CD2 
67  C CE1 . TYR B 2 ? 0.1057 0.0440 0.0826 -0.0010 0.0483  0.0097  128 TYR B CE1 
68  C CE2 . TYR B 2 ? 0.0849 0.0393 0.0573 -0.0121 0.0120  0.0170  128 TYR B CE2 
69  C CZ  . TYR B 2 ? 0.0917 0.0529 0.0601 -0.0117 0.0306  0.0147  128 TYR B CZ  
70  O OH  . TYR B 2 ? 0.1138 0.0722 0.0936 -0.0186 0.0550  0.0042  128 TYR B OH  
71  N N   . VAL B 3 ? 0.0339 0.0261 0.0239 -0.0044 -0.0002 -0.0025 129 VAL B N   
72  C CA  . VAL B 3 ? 0.0390 0.0429 0.0354 0.0063  -0.0120 -0.0021 129 VAL B CA  
73  C C   . VAL B 3 ? 0.0211 0.0444 0.0433 0.0091  -0.0116 -0.0135 129 VAL B C   
74  O O   . VAL B 3 ? 0.0272 0.0531 0.0325 0.0121  -0.0080 -0.0132 129 VAL B O   
75  C CB  . VAL B 3 ? 0.0978 0.0619 0.0582 0.0059  -0.0265 0.0058  129 VAL B CB  
76  C CG1 . VAL B 3 ? 0.1078 0.0796 0.0578 -0.0166 -0.0033 0.0139  129 VAL B CG1 
77  C CG2 . VAL B 3 ? 0.1542 0.0612 0.0838 0.0258  -0.0446 0.0011  129 VAL B CG2 
78  N N   . LEU B 4 ? 0.0198 0.0446 0.0548 0.0060  -0.0018 -0.0212 130 LEU B N   
79  C CA  . LEU B 4 ? 0.0347 0.0527 0.0452 0.0009  -0.0006 -0.0156 130 LEU B CA  
80  C C   . LEU B 4 ? 0.0309 0.0719 0.0449 0.0154  -0.0061 -0.0288 130 LEU B C   
81  O O   . LEU B 4 ? 0.0425 0.0912 0.0856 0.0159  -0.0147 -0.0521 130 LEU B O   
82  C CB  . LEU B 4 ? 0.0671 0.0492 0.0521 -0.0226 0.0274  -0.0049 130 LEU B CB  
83  C CG  . LEU B 4 ? 0.1009 0.0645 0.0596 -0.0262 0.0375  -0.0032 130 LEU B CG  
84  C CD1 . LEU B 4 ? 0.1226 0.0736 0.0332 -0.0036 0.0106  0.0058  130 LEU B CD1 
85  C CD2 . LEU B 4 ? 0.1442 0.0722 0.0973 -0.0343 0.0629  -0.0152 130 LEU B CD2 
86  N N   . GLY B 5 ? 0.0328 0.0484 0.0343 0.0091  -0.0022 -0.0109 131 GLY B N   
87  C CA  . GLY B 5 ? 0.0422 0.0484 0.0465 0.0119  -0.0161 -0.0134 131 GLY B CA  
88  C C   . GLY B 5 ? 0.0260 0.0524 0.0503 -0.0037 -0.0001 -0.0156 131 GLY B C   
89  O O   . GLY B 5 ? 0.0309 0.0615 0.0487 0.0019  -0.0091 -0.0179 131 GLY B O   
90  N N   . SER B 6 ? 0.0279 0.0492 0.0537 0.0011  -0.0049 -0.0139 132 SER B N   
91  C CA  A SER B 6 ? 0.0370 0.0672 0.0406 0.0053  -0.0076 -0.0127 132 SER B CA  
92  C CA  B SER B 6 ? 0.0432 0.0622 0.0430 0.0049  -0.0098 -0.0092 132 SER B CA  
93  C C   . SER B 6 ? 0.0498 0.0715 0.0457 0.0013  -0.0114 -0.0080 132 SER B C   
94  O O   . SER B 6 ? 0.0946 0.0718 0.0565 0.0031  -0.0137 -0.0032 132 SER B O   
95  C CB  A SER B 6 ? 0.0459 0.0826 0.0472 0.0130  -0.0021 -0.0210 132 SER B CB  
96  C CB  B SER B 6 ? 0.0533 0.0662 0.0331 0.0116  -0.0132 -0.0063 132 SER B CB  
97  O OG  A SER B 6 ? 0.0368 0.0893 0.0609 0.0127  -0.0018 -0.0378 132 SER B OG  
98  O OG  B SER B 6 ? 0.0587 0.0669 0.0266 0.0140  -0.0156 -0.0040 132 SER B OG  
99  N N   A ALA B 7 ? 0.0477 0.0676 0.0646 -0.0106 -0.0088 -0.0140 133 ALA B N   
100 N N   B ALA B 7 ? 0.0433 0.0752 0.0506 -0.0109 -0.0049 -0.0105 133 ALA B N   
101 C CA  A ALA B 7 ? 0.0623 0.0652 0.0947 -0.0164 -0.0060 -0.0207 133 ALA B CA  
102 C CA  B ALA B 7 ? 0.0611 0.0830 0.0707 -0.0128 0.0013  -0.0149 133 ALA B CA  
103 C C   A ALA B 7 ? 0.0598 0.0573 0.1037 -0.0158 -0.0173 -0.0250 133 ALA B C   
104 C C   B ALA B 7 ? 0.0620 0.0853 0.0690 -0.0047 -0.0098 -0.0219 133 ALA B C   
105 O O   A ALA B 7 ? 0.0519 0.0499 0.0727 -0.0261 -0.0118 -0.0118 133 ALA B O   
106 O O   B ALA B 7 ? 0.0553 0.0722 0.0350 -0.0179 -0.0149 -0.0102 133 ALA B O   
107 C CB  A ALA B 7 ? 0.0800 0.0686 0.1104 -0.0243 0.0149  -0.0235 133 ALA B CB  
108 C CB  B ALA B 7 ? 0.0860 0.0855 0.0868 -0.0188 0.0208  -0.0134 133 ALA B CB  
109 O O   . HOH C . ? 0.3321 0.3547 0.1653 -0.1998 0.0664  -0.0709 201 HOH A O   
110 O O   . HOH C . ? 0.4436 0.1125 0.1142 -0.0155 -0.0282 0.0015  202 HOH A O   
111 O O   . HOH C . ? 0.1460 0.2056 0.5227 0.0006  0.0021  0.1502  203 HOH A O   
112 O O   . HOH C . ? 0.2063 0.4876 0.1962 -0.0986 -0.0423 0.1350  204 HOH A O   
113 O O   . HOH C . ? 0.4346 0.1581 0.1406 -0.1033 0.0764  -0.0254 205 HOH A O   
114 O O   . HOH C . ? 0.3716 0.3915 0.1333 0.0064  0.0905  -0.0247 206 HOH A O   
115 O O   . HOH C . ? 0.3386 0.1783 0.2070 0.1225  -0.0889 -0.0399 207 HOH A O   
116 O O   . HOH C . ? 0.2967 0.4719 0.2670 0.0771  -0.0109 0.0714  208 HOH A O   
117 O O   . HOH D . ? 0.3141 0.1163 0.3599 0.0322  -0.0463 -0.0579 201 HOH B O   
# 
